data_3HC1
#
_entry.id   3HC1
#
_cell.length_a   47.567
_cell.length_b   66.631
_cell.length_c   54.412
_cell.angle_alpha   90.000
_cell.angle_beta   111.960
_cell.angle_gamma   90.000
#
_symmetry.space_group_name_H-M   'P 1 21 1'
#
loop_
_entity.id
_entity.type
_entity.pdbx_description
1 polymer 'uncharacterized HDOD domain protein'
2 non-polymer 'FE (III) ION'
3 non-polymer 'CHLORIDE ION'
4 non-polymer 'POTASSIUM ION'
5 non-polymer GLYCEROL
6 water water
#
_entity_poly.entity_id   1
_entity_poly.type   'polypeptide(L)'
_entity_poly.pdbx_seq_one_letter_code
;G(MSE)DISGRDVETRLTLAREF(MSE)SGVDELPTVPDIVLRIAGKLNDPDVAIDEVADLLLQDQVLTARVVHLANSPL
YSAARPISSIRDAVIYLGLDLLREAIFTCAIVDLFKTGKGPLNRSTLWAHSLGVARIAKLIAERTGFLNPVNVYVAGLLH
DVGEVFINFFRGKEFSQVVTLVDEEKITFGQAEERLFGTSHCEVGFALAKRWSLNEFICDTILYHHDIEAVPYKQAAIVA
(MSE)VAFADEYCTLRRLGFEGHKPVDSVRTLLENHPSWGVIRRSLGGSDFDEKLIVAELDSSIVEIRAAVDELFLL
;
_entity_poly.pdbx_strand_id   A
#
# COMPACT_ATOMS: atom_id res chain seq x y z
N ASP A 8 19.07 -15.56 -5.54
CA ASP A 8 19.60 -14.59 -6.53
C ASP A 8 18.85 -13.25 -6.40
N VAL A 9 18.55 -12.81 -5.18
CA VAL A 9 17.87 -11.52 -5.04
C VAL A 9 18.82 -10.40 -5.49
N GLU A 10 20.11 -10.49 -5.16
CA GLU A 10 21.04 -9.40 -5.54
CA GLU A 10 21.06 -9.44 -5.53
C GLU A 10 21.09 -9.26 -7.06
N THR A 11 20.95 -10.36 -7.79
CA THR A 11 20.91 -10.29 -9.24
C THR A 11 19.71 -9.47 -9.69
N ARG A 12 18.56 -9.81 -9.15
CA ARG A 12 17.32 -9.04 -9.41
C ARG A 12 17.42 -7.62 -8.86
N LEU A 13 18.06 -7.45 -7.68
CA LEU A 13 18.22 -6.10 -7.12
C LEU A 13 19.20 -5.28 -7.96
N THR A 14 20.30 -5.90 -8.44
CA THR A 14 21.23 -5.21 -9.35
C THR A 14 20.52 -4.79 -10.63
N LEU A 15 19.77 -5.70 -11.23
CA LEU A 15 19.00 -5.39 -12.45
C LEU A 15 17.99 -4.26 -12.16
N ALA A 16 17.33 -4.32 -11.00
CA ALA A 16 16.43 -3.24 -10.60
C ALA A 16 17.18 -1.90 -10.55
N ARG A 17 18.35 -1.85 -9.92
CA ARG A 17 19.08 -0.54 -9.88
C ARG A 17 19.47 -0.07 -11.27
N GLU A 18 19.91 -0.98 -12.14
CA GLU A 18 20.23 -0.57 -13.53
C GLU A 18 18.99 -0.09 -14.28
N PHE A 19 17.85 -0.74 -14.04
CA PHE A 19 16.57 -0.30 -14.61
C PHE A 19 16.24 1.16 -14.20
N SER A 21 18.67 3.56 -13.17
CA SER A 21 19.78 4.30 -13.87
C SER A 21 19.43 5.01 -15.15
N GLY A 22 18.67 4.36 -16.00
CA GLY A 22 18.35 4.90 -17.31
C GLY A 22 17.27 5.97 -17.26
N VAL A 23 16.66 6.17 -16.10
CA VAL A 23 15.70 7.24 -15.94
C VAL A 23 16.50 8.44 -15.44
N ASP A 24 16.31 9.56 -16.10
CA ASP A 24 17.00 10.78 -15.77
C ASP A 24 16.40 11.39 -14.50
N GLU A 25 15.15 11.84 -14.54
N GLU A 25 15.17 11.90 -14.57
CA GLU A 25 14.50 12.39 -13.32
CA GLU A 25 14.50 12.33 -13.34
C GLU A 25 13.55 11.40 -12.62
C GLU A 25 13.80 11.11 -12.73
N LEU A 26 13.95 10.95 -11.43
CA LEU A 26 13.27 9.89 -10.70
C LEU A 26 12.17 10.50 -9.88
N PRO A 27 11.06 9.76 -9.65
CA PRO A 27 10.05 10.36 -8.79
C PRO A 27 10.55 10.62 -7.37
N THR A 28 9.93 11.61 -6.74
CA THR A 28 10.21 11.99 -5.37
CA THR A 28 10.22 11.94 -5.36
C THR A 28 8.93 11.89 -4.54
N VAL A 29 9.10 11.78 -3.22
CA VAL A 29 7.97 11.93 -2.29
C VAL A 29 8.23 13.16 -1.40
N PRO A 30 7.17 13.95 -1.07
CA PRO A 30 7.26 15.10 -0.15
C PRO A 30 8.02 14.83 1.13
N ASP A 31 8.67 15.85 1.68
CA ASP A 31 9.32 15.70 3.00
C ASP A 31 8.34 15.25 4.07
N ILE A 32 7.08 15.66 3.93
CA ILE A 32 6.08 15.33 4.95
C ILE A 32 5.81 13.80 5.01
N VAL A 33 5.89 13.17 3.86
CA VAL A 33 5.72 11.71 3.73
C VAL A 33 6.90 11.01 4.40
N LEU A 34 8.13 11.42 4.10
CA LEU A 34 9.32 10.89 4.80
C LEU A 34 9.30 11.23 6.31
N ARG A 35 8.88 12.44 6.66
CA ARG A 35 8.83 12.84 8.09
C ARG A 35 7.84 11.95 8.85
N ILE A 36 6.63 11.84 8.29
CA ILE A 36 5.57 10.99 8.90
C ILE A 36 6.01 9.53 8.96
N ALA A 37 6.44 8.99 7.82
CA ALA A 37 7.07 7.67 7.76
C ALA A 37 8.09 7.42 8.88
N GLY A 38 8.90 8.44 9.21
CA GLY A 38 9.89 8.35 10.30
C GLY A 38 9.40 8.38 11.74
N LYS A 39 8.24 9.00 11.97
CA LYS A 39 7.74 9.25 13.32
C LYS A 39 6.63 8.28 13.80
N LEU A 40 6.28 7.32 12.97
CA LEU A 40 5.14 6.48 13.24
C LEU A 40 5.14 5.80 14.60
N ASN A 41 6.32 5.54 15.15
CA ASN A 41 6.42 4.81 16.43
C ASN A 41 6.46 5.68 17.69
N ASP A 42 6.52 7.01 17.52
CA ASP A 42 6.59 7.97 18.63
CA ASP A 42 6.57 7.93 18.66
C ASP A 42 5.16 8.29 19.13
N PRO A 43 4.74 7.71 20.29
CA PRO A 43 3.38 8.05 20.73
C PRO A 43 3.18 9.51 21.25
N ASP A 44 4.27 10.18 21.63
CA ASP A 44 4.18 11.47 22.34
C ASP A 44 4.57 12.68 21.49
N VAL A 45 4.19 12.67 20.21
CA VAL A 45 4.35 13.86 19.37
C VAL A 45 3.13 14.77 19.55
N ALA A 46 3.36 16.09 19.56
CA ALA A 46 2.31 17.07 19.74
C ALA A 46 1.48 17.18 18.47
N ILE A 47 0.16 17.00 18.60
CA ILE A 47 -0.73 16.97 17.45
C ILE A 47 -0.66 18.29 16.67
N ASP A 48 -0.60 19.40 17.41
CA ASP A 48 -0.55 20.72 16.81
C ASP A 48 0.70 20.95 16.00
N GLU A 49 1.79 20.26 16.34
CA GLU A 49 3.00 20.31 15.50
C GLU A 49 2.71 19.68 14.16
N VAL A 50 2.05 18.53 14.19
CA VAL A 50 1.66 17.85 12.94
C VAL A 50 0.69 18.74 12.12
N ALA A 51 -0.35 19.23 12.80
CA ALA A 51 -1.34 20.15 12.24
C ALA A 51 -0.66 21.35 11.61
N ASP A 52 0.33 21.87 12.30
CA ASP A 52 1.05 23.06 11.83
C ASP A 52 1.79 22.86 10.52
N LEU A 53 2.21 21.62 10.23
CA LEU A 53 2.84 21.30 8.94
C LEU A 53 1.93 21.61 7.74
N LEU A 54 0.61 21.53 7.91
CA LEU A 54 -0.31 21.83 6.82
C LEU A 54 -0.59 23.32 6.57
N LEU A 55 -0.35 24.16 7.59
CA LEU A 55 -0.75 25.59 7.61
C LEU A 55 -0.52 26.36 6.33
N GLN A 56 0.64 26.16 5.69
CA GLN A 56 0.97 26.89 4.46
C GLN A 56 0.37 26.29 3.17
N ASP A 57 -0.19 25.08 3.27
CA ASP A 57 -0.57 24.32 2.11
C ASP A 57 -2.10 24.17 2.04
N GLN A 58 -2.72 25.09 1.31
CA GLN A 58 -4.19 25.12 1.17
C GLN A 58 -4.76 23.87 0.47
N VAL A 59 -4.00 23.33 -0.47
CA VAL A 59 -4.47 22.19 -1.27
C VAL A 59 -4.43 20.94 -0.40
N LEU A 60 -3.28 20.71 0.25
CA LEU A 60 -3.14 19.57 1.15
C LEU A 60 -4.16 19.66 2.26
N THR A 61 -4.34 20.85 2.85
CA THR A 61 -5.31 21.05 3.95
C THR A 61 -6.74 20.67 3.57
N ALA A 62 -7.25 21.21 2.47
CA ALA A 62 -8.57 20.85 1.96
C ALA A 62 -8.73 19.36 1.65
N ARG A 63 -7.65 18.74 1.15
CA ARG A 63 -7.67 17.30 0.91
C ARG A 63 -7.88 16.57 2.22
N VAL A 64 -7.12 16.98 3.26
CA VAL A 64 -7.19 16.31 4.56
C VAL A 64 -8.59 16.44 5.19
N VAL A 65 -9.14 17.65 5.16
CA VAL A 65 -10.52 17.87 5.66
C VAL A 65 -11.54 16.95 4.92
N HIS A 66 -11.36 16.78 3.60
CA HIS A 66 -12.22 15.88 2.82
C HIS A 66 -12.13 14.40 3.27
N LEU A 67 -10.92 13.89 3.40
CA LEU A 67 -10.74 12.49 3.85
C LEU A 67 -11.24 12.34 5.29
N ALA A 68 -10.97 13.35 6.14
CA ALA A 68 -11.38 13.34 7.55
C ALA A 68 -12.90 13.24 7.64
N ASN A 69 -13.59 13.95 6.75
CA ASN A 69 -15.03 13.96 6.79
C ASN A 69 -15.67 12.74 6.18
N SER A 70 -14.90 11.92 5.48
CA SER A 70 -15.47 10.70 4.92
C SER A 70 -15.99 9.77 6.03
N PRO A 71 -17.03 8.98 5.72
CA PRO A 71 -17.62 8.09 6.76
C PRO A 71 -16.58 7.25 7.49
N LEU A 72 -15.65 6.67 6.73
CA LEU A 72 -14.62 5.77 7.26
C LEU A 72 -13.79 6.40 8.38
N TYR A 73 -13.53 7.69 8.26
CA TYR A 73 -12.74 8.41 9.27
C TYR A 73 -13.62 9.04 10.34
N SER A 74 -14.71 9.68 9.91
CA SER A 74 -15.51 10.58 10.77
C SER A 74 -16.71 9.95 11.38
N ALA A 75 -17.31 9.00 10.66
CA ALA A 75 -18.63 8.54 10.97
C ALA A 75 -19.54 9.71 10.64
N ALA A 76 -20.59 9.90 11.44
CA ALA A 76 -21.61 10.93 11.19
C ALA A 76 -21.24 12.34 11.67
N ARG A 77 -20.08 12.51 12.28
CA ARG A 77 -19.68 13.84 12.81
C ARG A 77 -19.03 14.68 11.70
N PRO A 78 -19.58 15.90 11.47
CA PRO A 78 -19.12 16.79 10.40
C PRO A 78 -17.76 17.46 10.63
N ILE A 79 -16.79 17.09 9.79
CA ILE A 79 -15.46 17.69 9.80
C ILE A 79 -15.38 18.70 8.68
N SER A 80 -15.23 19.97 9.04
CA SER A 80 -15.29 21.09 8.09
C SER A 80 -14.01 21.91 8.08
N SER A 81 -13.40 22.07 9.26
CA SER A 81 -12.07 22.64 9.36
C SER A 81 -11.03 21.57 9.70
N ILE A 82 -9.79 21.94 9.50
CA ILE A 82 -8.65 21.20 10.00
C ILE A 82 -8.62 21.10 11.55
N ARG A 83 -9.07 22.16 12.21
CA ARG A 83 -9.21 22.12 13.67
C ARG A 83 -10.15 20.97 14.11
N ASP A 84 -11.27 20.80 13.40
CA ASP A 84 -12.18 19.68 13.60
C ASP A 84 -11.45 18.34 13.40
N ALA A 85 -10.67 18.24 12.34
CA ALA A 85 -9.96 17.00 12.01
C ALA A 85 -9.01 16.67 13.18
N VAL A 86 -8.25 17.64 13.63
CA VAL A 86 -7.32 17.42 14.77
C VAL A 86 -8.02 16.86 16.02
N ILE A 87 -9.13 17.52 16.38
CA ILE A 87 -9.87 17.20 17.59
C ILE A 87 -10.48 15.84 17.43
N TYR A 88 -11.02 15.54 16.25
CA TYR A 88 -11.81 14.34 16.05
C TYR A 88 -11.02 13.12 15.63
N LEU A 89 -9.99 13.28 14.81
CA LEU A 89 -9.20 12.12 14.35
C LEU A 89 -8.18 11.65 15.38
N GLY A 90 -7.57 12.58 16.11
CA GLY A 90 -6.41 12.28 16.94
C GLY A 90 -5.15 12.05 16.10
N LEU A 91 -4.04 11.85 16.81
CA LEU A 91 -2.69 11.92 16.23
C LEU A 91 -2.49 10.86 15.13
N ASP A 92 -2.84 9.60 15.41
CA ASP A 92 -2.60 8.54 14.43
C ASP A 92 -3.42 8.67 13.14
N LEU A 93 -4.74 8.85 13.25
CA LEU A 93 -5.57 9.04 12.07
C LEU A 93 -5.20 10.34 11.31
N LEU A 94 -4.75 11.37 12.04
CA LEU A 94 -4.30 12.57 11.34
C LEU A 94 -3.00 12.32 10.49
N ARG A 95 -1.99 11.68 11.08
CA ARG A 95 -0.77 11.24 10.36
C ARG A 95 -1.18 10.41 9.14
N GLU A 96 -2.12 9.50 9.34
CA GLU A 96 -2.60 8.64 8.26
C GLU A 96 -3.26 9.42 7.16
N ALA A 97 -4.12 10.35 7.53
CA ALA A 97 -4.85 11.15 6.53
C ALA A 97 -3.88 12.06 5.75
N ILE A 98 -2.96 12.69 6.47
CA ILE A 98 -1.94 13.57 5.84
C ILE A 98 -1.04 12.77 4.86
N PHE A 99 -0.56 11.64 5.35
CA PHE A 99 0.24 10.75 4.53
C PHE A 99 -0.46 10.43 3.21
N THR A 100 -1.74 10.07 3.32
CA THR A 100 -2.58 9.68 2.17
C THR A 100 -2.77 10.85 1.20
N CYS A 101 -3.05 12.03 1.75
CA CYS A 101 -3.34 13.19 0.92
C CYS A 101 -2.13 13.74 0.27
N ALA A 102 -0.96 13.48 0.83
CA ALA A 102 0.30 13.91 0.22
C ALA A 102 0.82 12.88 -0.77
N ILE A 103 0.70 11.61 -0.44
CA ILE A 103 1.25 10.56 -1.31
C ILE A 103 0.44 10.48 -2.66
N VAL A 104 -0.79 10.98 -2.66
CA VAL A 104 -1.62 10.87 -3.86
C VAL A 104 -0.96 11.59 -5.08
N ASP A 105 -0.17 12.64 -4.83
CA ASP A 105 0.54 13.30 -5.93
C ASP A 105 1.51 12.39 -6.67
N LEU A 106 2.14 11.47 -5.95
CA LEU A 106 2.95 10.44 -6.58
C LEU A 106 2.19 9.59 -7.60
N PHE A 107 0.94 9.26 -7.29
CA PHE A 107 0.13 8.41 -8.14
C PHE A 107 -0.54 9.21 -9.29
N LYS A 108 -0.65 10.53 -9.13
CA LYS A 108 -1.26 11.41 -10.14
C LYS A 108 -0.27 11.95 -11.14
N THR A 109 0.99 12.12 -10.71
CA THR A 109 1.95 12.91 -11.48
C THR A 109 2.67 12.04 -12.53
N GLY A 110 1.97 11.78 -13.62
CA GLY A 110 2.48 10.97 -14.71
C GLY A 110 1.35 10.41 -15.55
N LYS A 111 1.75 9.71 -16.60
CA LYS A 111 0.87 8.87 -17.33
C LYS A 111 1.64 7.65 -17.82
N GLY A 112 0.92 6.57 -18.02
CA GLY A 112 1.45 5.39 -18.63
C GLY A 112 0.38 4.42 -19.15
N PRO A 113 0.82 3.20 -19.57
CA PRO A 113 -0.09 2.18 -20.12
C PRO A 113 -1.15 1.69 -19.16
N LEU A 114 -0.91 1.72 -17.86
CA LEU A 114 -1.99 1.52 -16.88
C LEU A 114 -2.53 2.88 -16.38
N ASN A 115 -3.84 2.92 -16.17
CA ASN A 115 -4.50 4.15 -15.80
C ASN A 115 -4.06 4.53 -14.40
N ARG A 116 -3.87 5.82 -14.15
CA ARG A 116 -3.51 6.32 -12.84
C ARG A 116 -4.39 5.75 -11.74
N SER A 117 -5.69 5.77 -12.01
CA SER A 117 -6.69 5.36 -11.03
C SER A 117 -6.60 3.89 -10.68
N THR A 118 -6.14 3.07 -11.59
CA THR A 118 -5.99 1.63 -11.34
C THR A 118 -4.98 1.35 -10.20
N LEU A 119 -3.83 2.01 -10.30
CA LEU A 119 -2.77 1.80 -9.33
CA LEU A 119 -2.75 1.84 -9.33
C LEU A 119 -3.14 2.42 -7.98
N TRP A 120 -3.72 3.60 -8.00
CA TRP A 120 -4.15 4.24 -6.77
C TRP A 120 -5.24 3.46 -6.01
N ALA A 121 -6.30 3.11 -6.70
CA ALA A 121 -7.42 2.41 -6.09
C ALA A 121 -6.93 1.09 -5.44
N HIS A 122 -6.12 0.35 -6.17
CA HIS A 122 -5.56 -0.91 -5.65
C HIS A 122 -4.68 -0.68 -4.40
N SER A 123 -3.85 0.36 -4.46
CA SER A 123 -2.93 0.70 -3.38
C SER A 123 -3.68 1.17 -2.13
N LEU A 124 -4.65 2.07 -2.33
CA LEU A 124 -5.53 2.50 -1.23
C LEU A 124 -6.31 1.34 -0.63
N GLY A 125 -6.79 0.41 -1.47
CA GLY A 125 -7.54 -0.77 -0.99
C GLY A 125 -6.65 -1.65 -0.12
N VAL A 126 -5.46 -1.98 -0.62
CA VAL A 126 -4.47 -2.73 0.12
C VAL A 126 -4.11 -2.06 1.48
N ALA A 127 -3.83 -0.75 1.46
CA ALA A 127 -3.55 -0.03 2.68
C ALA A 127 -4.67 -0.28 3.71
N ARG A 128 -5.91 -0.04 3.27
CA ARG A 128 -7.06 -0.06 4.17
C ARG A 128 -7.37 -1.44 4.71
N ILE A 129 -7.31 -2.43 3.83
CA ILE A 129 -7.54 -3.82 4.24
C ILE A 129 -6.43 -4.32 5.12
N ALA A 130 -5.18 -4.01 4.76
CA ALA A 130 -4.06 -4.41 5.61
C ALA A 130 -4.21 -3.79 7.02
N LYS A 131 -4.69 -2.55 7.10
CA LYS A 131 -4.90 -1.93 8.39
C LYS A 131 -6.00 -2.65 9.14
N LEU A 132 -7.12 -2.99 8.46
CA LEU A 132 -8.22 -3.72 9.12
CA LEU A 132 -8.22 -3.70 9.15
C LEU A 132 -7.69 -4.99 9.78
N ILE A 133 -6.85 -5.73 9.04
CA ILE A 133 -6.23 -6.92 9.58
C ILE A 133 -5.35 -6.63 10.82
N ALA A 134 -4.57 -5.55 10.77
CA ALA A 134 -3.75 -5.12 11.88
C ALA A 134 -4.62 -4.97 13.13
N GLU A 135 -5.71 -4.26 12.95
CA GLU A 135 -6.67 -4.04 14.03
C GLU A 135 -7.28 -5.33 14.57
N ARG A 136 -7.73 -6.21 13.67
CA ARG A 136 -8.38 -7.45 14.12
C ARG A 136 -7.44 -8.45 14.77
N THR A 137 -6.14 -8.33 14.53
CA THR A 137 -5.19 -9.28 15.08
C THR A 137 -4.44 -8.67 16.26
N GLY A 138 -4.81 -7.45 16.62
CA GLY A 138 -4.24 -6.74 17.78
C GLY A 138 -2.85 -6.16 17.58
N PHE A 139 -2.48 -5.90 16.32
CA PHE A 139 -1.16 -5.35 16.04
C PHE A 139 -1.13 -3.90 16.59
N LEU A 140 -0.12 -3.58 17.38
CA LEU A 140 -0.10 -2.33 18.17
C LEU A 140 -0.02 -0.96 17.42
N ASN A 141 0.61 -0.92 16.27
CA ASN A 141 0.71 0.34 15.54
C ASN A 141 0.18 0.13 14.14
N PRO A 142 -1.15 0.10 13.98
CA PRO A 142 -1.73 -0.24 12.67
C PRO A 142 -1.47 0.79 11.55
N VAL A 143 -1.22 2.05 11.91
CA VAL A 143 -0.87 3.03 10.87
C VAL A 143 0.40 2.60 10.09
N ASN A 144 1.36 1.93 10.75
CA ASN A 144 2.58 1.43 10.09
C ASN A 144 2.25 0.38 9.01
N VAL A 145 1.21 -0.39 9.27
CA VAL A 145 0.75 -1.36 8.28
C VAL A 145 0.04 -0.65 7.15
N TYR A 146 -0.77 0.34 7.48
CA TYR A 146 -1.42 1.14 6.47
C TYR A 146 -0.39 1.76 5.49
N VAL A 147 0.63 2.39 6.03
CA VAL A 147 1.64 3.08 5.22
C VAL A 147 2.41 2.05 4.35
N ALA A 148 2.83 0.90 4.92
CA ALA A 148 3.49 -0.18 4.14
C ALA A 148 2.60 -0.63 2.97
N GLY A 149 1.29 -0.74 3.24
CA GLY A 149 0.30 -1.15 2.25
C GLY A 149 0.13 -0.20 1.09
N LEU A 150 -0.02 1.08 1.43
CA LEU A 150 -0.20 2.10 0.40
C LEU A 150 1.04 2.21 -0.49
N LEU A 151 2.23 1.85 0.03
CA LEU A 151 3.46 1.97 -0.73
C LEU A 151 3.89 0.67 -1.41
N HIS A 152 3.15 -0.41 -1.19
CA HIS A 152 3.62 -1.75 -1.61
C HIS A 152 3.99 -1.92 -3.11
N ASP A 153 3.16 -1.30 -3.96
CA ASP A 153 3.33 -1.29 -5.38
C ASP A 153 3.94 -0.01 -5.93
N VAL A 154 4.68 0.73 -5.10
CA VAL A 154 5.30 1.97 -5.58
C VAL A 154 6.24 1.70 -6.79
N GLY A 155 6.79 0.49 -6.87
CA GLY A 155 7.56 0.08 -8.04
C GLY A 155 6.82 0.03 -9.37
N GLU A 156 5.55 -0.35 -9.33
CA GLU A 156 4.67 -0.37 -10.54
C GLU A 156 4.36 1.04 -10.94
N VAL A 157 4.24 1.93 -9.95
CA VAL A 157 4.05 3.32 -10.23
C VAL A 157 5.26 3.84 -10.97
N PHE A 158 6.44 3.48 -10.49
CA PHE A 158 7.65 3.88 -11.18
C PHE A 158 7.75 3.36 -12.60
N ILE A 159 7.55 2.06 -12.80
CA ILE A 159 7.71 1.49 -14.11
C ILE A 159 6.65 2.09 -15.07
N ASN A 160 5.41 2.24 -14.56
CA ASN A 160 4.26 2.73 -15.34
C ASN A 160 4.52 4.16 -15.85
N PHE A 161 5.03 5.02 -14.97
CA PHE A 161 5.17 6.44 -15.29
C PHE A 161 6.54 6.75 -15.91
N PHE A 162 7.55 5.95 -15.56
CA PHE A 162 8.93 6.32 -15.89
C PHE A 162 9.59 5.42 -16.88
N ARG A 163 9.09 4.22 -17.04
CA ARG A 163 9.54 3.31 -18.07
C ARG A 163 8.31 2.78 -18.81
N GLY A 164 7.38 3.67 -19.13
CA GLY A 164 6.09 3.26 -19.70
C GLY A 164 6.19 2.55 -21.03
N LYS A 165 7.05 3.11 -21.88
CA LYS A 165 7.30 2.54 -23.22
C LYS A 165 7.56 1.04 -23.06
N GLU A 166 8.38 0.70 -22.06
CA GLU A 166 8.73 -0.67 -21.73
C GLU A 166 7.60 -1.42 -21.04
N PHE A 167 6.98 -0.82 -20.01
CA PHE A 167 5.84 -1.42 -19.28
C PHE A 167 4.70 -1.79 -20.24
N SER A 168 4.54 -0.99 -21.31
CA SER A 168 3.56 -1.30 -22.38
C SER A 168 3.62 -2.76 -22.77
N GLN A 169 4.85 -3.29 -22.87
CA GLN A 169 5.08 -4.67 -23.22
C GLN A 169 4.73 -5.67 -22.12
N VAL A 170 4.94 -5.26 -20.86
CA VAL A 170 4.52 -6.07 -19.75
C VAL A 170 2.99 -6.23 -19.85
N VAL A 171 2.28 -5.12 -20.09
CA VAL A 171 0.82 -5.13 -20.13
C VAL A 171 0.26 -6.06 -21.19
N THR A 172 0.89 -6.05 -22.37
CA THR A 172 0.38 -6.79 -23.52
C THR A 172 0.78 -8.26 -23.38
N LEU A 173 1.95 -8.55 -22.83
CA LEU A 173 2.29 -9.93 -22.43
C LEU A 173 1.34 -10.50 -21.37
N VAL A 174 0.93 -9.66 -20.42
CA VAL A 174 -0.05 -10.09 -19.41
C VAL A 174 -1.41 -10.36 -20.09
N ASP A 175 -1.89 -9.36 -20.84
CA ASP A 175 -3.23 -9.39 -21.47
C ASP A 175 -3.39 -10.51 -22.52
N GLU A 176 -2.26 -10.99 -23.07
CA GLU A 176 -2.26 -11.97 -24.14
C GLU A 176 -1.95 -13.40 -23.64
N GLU A 177 -1.07 -13.55 -22.67
CA GLU A 177 -0.70 -14.87 -22.15
C GLU A 177 -1.22 -15.18 -20.71
N LYS A 178 -1.99 -14.23 -20.18
CA LYS A 178 -2.68 -14.41 -18.90
C LYS A 178 -1.75 -14.84 -17.74
N ILE A 179 -0.56 -14.24 -17.66
CA ILE A 179 0.36 -14.45 -16.52
C ILE A 179 0.24 -13.20 -15.65
N THR A 180 0.86 -13.21 -14.47
CA THR A 180 0.83 -12.07 -13.54
C THR A 180 1.81 -10.99 -14.02
N PHE A 181 1.60 -9.78 -13.56
CA PHE A 181 2.48 -8.68 -13.91
C PHE A 181 3.87 -9.00 -13.43
N GLY A 182 3.99 -9.53 -12.21
CA GLY A 182 5.28 -9.88 -11.67
C GLY A 182 6.01 -10.91 -12.56
N GLN A 183 5.28 -11.88 -13.08
CA GLN A 183 5.83 -12.86 -14.02
C GLN A 183 6.26 -12.20 -15.33
N ALA A 184 5.37 -11.41 -15.93
CA ALA A 184 5.70 -10.68 -17.14
C ALA A 184 6.94 -9.81 -16.94
N GLU A 185 7.00 -9.08 -15.80
CA GLU A 185 8.16 -8.25 -15.51
C GLU A 185 9.45 -9.10 -15.45
N GLU A 186 9.36 -10.21 -14.75
CA GLU A 186 10.50 -11.08 -14.61
C GLU A 186 11.05 -11.55 -15.98
N ARG A 187 10.14 -11.88 -16.88
CA ARG A 187 10.49 -12.36 -18.20
C ARG A 187 11.08 -11.26 -19.06
N LEU A 188 10.41 -10.10 -19.09
CA LEU A 188 10.83 -9.00 -19.93
C LEU A 188 12.02 -8.20 -19.39
N PHE A 189 12.20 -8.15 -18.06
CA PHE A 189 13.26 -7.32 -17.46
C PHE A 189 14.25 -8.09 -16.57
N GLY A 190 14.00 -9.36 -16.26
CA GLY A 190 14.82 -10.08 -15.22
C GLY A 190 14.73 -9.58 -13.78
N THR A 191 13.77 -8.72 -13.50
CA THR A 191 13.55 -8.18 -12.16
C THR A 191 12.09 -7.75 -12.13
N SER A 192 11.54 -7.42 -10.95
CA SER A 192 10.16 -6.98 -10.88
C SER A 192 9.97 -5.65 -10.10
N HIS A 193 8.73 -5.20 -10.03
CA HIS A 193 8.38 -4.02 -9.23
C HIS A 193 8.69 -4.19 -7.75
N CYS A 194 8.78 -5.43 -7.26
CA CYS A 194 9.27 -5.71 -5.89
C CYS A 194 10.67 -5.17 -5.69
N GLU A 195 11.58 -5.53 -6.58
CA GLU A 195 12.95 -5.07 -6.48
C GLU A 195 13.17 -3.61 -6.84
N VAL A 196 12.49 -3.16 -7.91
CA VAL A 196 12.49 -1.78 -8.26
C VAL A 196 11.92 -0.94 -7.12
N GLY A 197 10.79 -1.39 -6.54
CA GLY A 197 10.16 -0.60 -5.46
C GLY A 197 11.08 -0.54 -4.25
N PHE A 198 11.76 -1.64 -4.01
CA PHE A 198 12.75 -1.69 -2.87
C PHE A 198 13.88 -0.67 -3.10
N ALA A 199 14.45 -0.71 -4.30
CA ALA A 199 15.54 0.20 -4.68
C ALA A 199 15.09 1.65 -4.54
N LEU A 200 13.83 1.91 -4.91
CA LEU A 200 13.24 3.24 -4.82
C LEU A 200 13.00 3.73 -3.41
N ALA A 201 12.40 2.89 -2.61
CA ALA A 201 12.19 3.19 -1.23
C ALA A 201 13.52 3.34 -0.46
N LYS A 202 14.52 2.55 -0.82
CA LYS A 202 15.87 2.70 -0.24
C LYS A 202 16.48 4.02 -0.63
N ARG A 203 16.37 4.41 -1.90
CA ARG A 203 16.81 5.75 -2.32
C ARG A 203 16.11 6.85 -1.50
N TRP A 204 14.82 6.67 -1.20
CA TRP A 204 14.08 7.66 -0.44
C TRP A 204 14.34 7.66 1.06
N SER A 205 15.18 6.75 1.51
CA SER A 205 15.51 6.57 2.93
C SER A 205 14.36 6.10 3.80
N LEU A 206 13.43 5.36 3.21
CA LEU A 206 12.35 4.79 4.02
C LEU A 206 12.88 3.62 4.88
N ASN A 207 12.31 3.45 6.07
CA ASN A 207 12.72 2.36 6.96
C ASN A 207 12.61 1.01 6.27
N GLU A 208 13.48 0.10 6.66
CA GLU A 208 13.49 -1.23 6.04
C GLU A 208 12.24 -2.03 6.28
N PHE A 209 11.42 -1.72 7.30
CA PHE A 209 10.18 -2.48 7.45
C PHE A 209 9.28 -2.22 6.23
N ILE A 210 9.36 -1.03 5.67
CA ILE A 210 8.60 -0.66 4.47
C ILE A 210 9.30 -1.23 3.25
N CYS A 211 10.61 -1.01 3.15
CA CYS A 211 11.40 -1.56 2.03
C CYS A 211 11.17 -3.04 1.88
N ASP A 212 11.24 -3.77 2.98
CA ASP A 212 11.06 -5.23 2.88
C ASP A 212 9.59 -5.61 2.49
N THR A 213 8.61 -4.81 2.87
CA THR A 213 7.25 -5.10 2.54
C THR A 213 7.11 -5.02 1.01
N ILE A 214 7.71 -3.98 0.41
CA ILE A 214 7.75 -3.76 -1.07
C ILE A 214 8.47 -4.92 -1.77
N LEU A 215 9.56 -5.42 -1.18
CA LEU A 215 10.34 -6.51 -1.76
C LEU A 215 9.67 -7.87 -1.72
N TYR A 216 8.95 -8.15 -0.65
CA TYR A 216 8.49 -9.51 -0.33
C TYR A 216 6.99 -9.73 -0.43
N HIS A 217 6.25 -8.71 -0.83
CA HIS A 217 4.80 -8.75 -0.75
C HIS A 217 4.13 -9.77 -1.64
N HIS A 218 4.83 -10.28 -2.66
CA HIS A 218 4.30 -11.38 -3.51
C HIS A 218 4.73 -12.76 -3.03
N ASP A 219 5.54 -12.87 -1.98
CA ASP A 219 5.79 -14.17 -1.35
C ASP A 219 6.25 -14.02 0.08
N ILE A 220 5.29 -14.00 0.99
CA ILE A 220 5.56 -13.84 2.43
C ILE A 220 6.56 -14.88 2.94
N GLU A 221 6.60 -16.06 2.30
CA GLU A 221 7.45 -17.14 2.76
C GLU A 221 8.92 -16.87 2.54
N ALA A 222 9.24 -15.89 1.70
CA ALA A 222 10.64 -15.41 1.49
C ALA A 222 11.21 -14.47 2.59
N VAL A 223 10.40 -13.89 3.45
CA VAL A 223 10.90 -12.90 4.42
C VAL A 223 11.94 -13.67 5.31
N PRO A 224 13.18 -13.16 5.44
CA PRO A 224 14.24 -13.93 6.17
C PRO A 224 14.27 -13.74 7.66
N TYR A 225 13.19 -13.25 8.23
CA TYR A 225 13.06 -13.15 9.67
C TYR A 225 11.63 -13.43 10.15
N LYS A 226 11.54 -13.69 11.44
CA LYS A 226 10.35 -14.24 12.06
C LYS A 226 9.32 -13.17 12.33
N GLN A 227 9.77 -12.00 12.78
CA GLN A 227 8.83 -10.95 13.07
C GLN A 227 8.51 -10.21 11.78
N ALA A 228 7.54 -10.76 11.06
CA ALA A 228 7.19 -10.30 9.72
C ALA A 228 5.69 -10.02 9.58
N ALA A 229 5.07 -9.48 10.65
CA ALA A 229 3.60 -9.18 10.72
C ALA A 229 3.20 -8.20 9.67
N ILE A 230 3.92 -7.08 9.51
CA ILE A 230 3.49 -6.08 8.55
C ILE A 230 3.48 -6.63 7.13
N VAL A 231 4.57 -7.28 6.73
CA VAL A 231 4.70 -7.82 5.40
C VAL A 231 3.59 -8.85 5.17
N ALA A 232 3.38 -9.73 6.16
CA ALA A 232 2.36 -10.74 6.08
C ALA A 232 0.98 -10.11 5.87
N VAL A 234 0.25 -7.08 4.57
CA VAL A 234 0.17 -6.42 3.25
C VAL A 234 0.15 -7.48 2.16
N ALA A 235 0.93 -8.55 2.30
CA ALA A 235 0.87 -9.63 1.27
C ALA A 235 -0.51 -10.20 1.21
N PHE A 236 -1.12 -10.48 2.38
CA PHE A 236 -2.51 -10.98 2.39
C PHE A 236 -3.47 -9.98 1.74
N ALA A 237 -3.38 -8.73 2.16
CA ALA A 237 -4.25 -7.68 1.62
C ALA A 237 -4.13 -7.53 0.10
N ASP A 238 -2.94 -7.71 -0.44
CA ASP A 238 -2.73 -7.58 -1.86
C ASP A 238 -3.43 -8.72 -2.59
N GLU A 239 -3.17 -9.95 -2.16
CA GLU A 239 -3.83 -11.10 -2.76
C GLU A 239 -5.37 -11.03 -2.64
N TYR A 240 -5.86 -10.57 -1.50
CA TYR A 240 -7.27 -10.40 -1.27
C TYR A 240 -7.87 -9.41 -2.28
N CYS A 241 -7.27 -8.22 -2.35
CA CYS A 241 -7.70 -7.19 -3.28
C CYS A 241 -7.67 -7.67 -4.72
N THR A 242 -6.61 -8.39 -5.11
CA THR A 242 -6.46 -8.88 -6.48
C THR A 242 -7.56 -9.87 -6.79
N LEU A 243 -7.89 -10.72 -5.83
CA LEU A 243 -8.97 -11.72 -5.96
C LEU A 243 -10.38 -11.18 -5.79
N ARG A 244 -10.57 -9.99 -5.24
CA ARG A 244 -11.89 -9.42 -4.99
C ARG A 244 -12.11 -8.09 -5.72
N ARG A 245 -11.62 -8.01 -6.95
CA ARG A 245 -11.92 -6.96 -7.90
C ARG A 245 -11.39 -5.60 -7.45
N LEU A 246 -10.27 -5.58 -6.71
CA LEU A 246 -9.65 -4.32 -6.30
C LEU A 246 -8.15 -4.35 -6.68
N GLY A 247 -7.87 -4.78 -7.90
CA GLY A 247 -6.50 -4.95 -8.37
C GLY A 247 -6.33 -5.08 -9.86
N PHE A 248 -5.10 -5.35 -10.25
CA PHE A 248 -4.79 -5.40 -11.69
C PHE A 248 -3.67 -6.35 -12.01
N GLU A 249 -2.95 -6.86 -11.00
CA GLU A 249 -1.70 -7.53 -11.27
C GLU A 249 -1.90 -8.95 -11.73
N GLY A 250 -3.11 -9.50 -11.60
CA GLY A 250 -3.44 -10.83 -12.10
C GLY A 250 -3.12 -11.94 -11.10
N HIS A 251 -3.61 -13.15 -11.40
CA HIS A 251 -3.51 -14.25 -10.42
C HIS A 251 -3.78 -15.52 -11.16
N LYS A 252 -3.07 -16.58 -10.77
CA LYS A 252 -3.35 -17.89 -11.31
C LYS A 252 -4.73 -18.35 -10.90
N PRO A 253 -5.32 -19.27 -11.68
CA PRO A 253 -6.62 -19.81 -11.35
C PRO A 253 -6.66 -20.42 -9.96
N VAL A 254 -7.78 -20.21 -9.28
CA VAL A 254 -7.99 -20.71 -7.92
CA VAL A 254 -7.99 -20.73 -7.93
C VAL A 254 -9.30 -21.52 -7.90
N ASP A 255 -9.26 -22.73 -7.32
CA ASP A 255 -10.48 -23.53 -7.17
CA ASP A 255 -10.51 -23.50 -7.20
C ASP A 255 -11.51 -22.78 -6.32
N SER A 256 -11.07 -22.33 -5.13
CA SER A 256 -11.91 -21.62 -4.21
C SER A 256 -11.15 -20.50 -3.48
N VAL A 257 -11.58 -19.26 -3.73
CA VAL A 257 -10.98 -18.04 -3.18
C VAL A 257 -11.10 -17.98 -1.67
N ARG A 258 -12.29 -18.30 -1.13
CA ARG A 258 -12.47 -18.24 0.30
C ARG A 258 -11.48 -19.17 0.97
N THR A 259 -11.41 -20.40 0.48
CA THR A 259 -10.48 -21.39 1.03
C THR A 259 -9.04 -20.93 0.95
N LEU A 260 -8.62 -20.42 -0.22
CA LEU A 260 -7.28 -19.84 -0.34
C LEU A 260 -7.04 -18.78 0.75
N LEU A 261 -7.95 -17.84 0.87
CA LEU A 261 -7.76 -16.74 1.80
C LEU A 261 -7.71 -17.25 3.24
N GLU A 262 -8.59 -18.21 3.56
CA GLU A 262 -8.62 -18.78 4.91
C GLU A 262 -7.35 -19.51 5.29
N ASN A 263 -6.74 -20.22 4.32
CA ASN A 263 -5.53 -21.01 4.52
C ASN A 263 -4.22 -20.27 4.17
N HIS A 264 -4.33 -19.00 3.83
CA HIS A 264 -3.18 -18.20 3.39
C HIS A 264 -2.00 -18.25 4.40
N PRO A 265 -0.77 -18.34 3.91
CA PRO A 265 0.39 -18.46 4.81
C PRO A 265 0.64 -17.27 5.73
N SER A 266 0.07 -16.12 5.41
CA SER A 266 0.25 -14.95 6.25
C SER A 266 -0.31 -15.15 7.66
N TRP A 267 -1.37 -15.95 7.79
CA TRP A 267 -2.03 -16.11 9.08
C TRP A 267 -1.08 -16.74 10.08
N GLY A 268 -0.37 -17.81 9.69
CA GLY A 268 0.69 -18.37 10.50
C GLY A 268 1.85 -17.41 10.80
N VAL A 269 2.20 -16.55 9.85
CA VAL A 269 3.31 -15.62 10.05
C VAL A 269 2.94 -14.57 11.10
N ILE A 270 1.69 -14.12 11.04
CA ILE A 270 1.15 -13.16 12.00
C ILE A 270 1.15 -13.80 13.39
N ARG A 271 0.66 -15.05 13.54
CA ARG A 271 0.70 -15.75 14.83
C ARG A 271 2.11 -15.97 15.40
N ARG A 272 3.07 -16.35 14.56
CA ARG A 272 4.44 -16.50 15.02
C ARG A 272 5.02 -15.11 15.44
N SER A 273 4.59 -14.02 14.80
CA SER A 273 5.10 -12.67 15.10
C SER A 273 4.45 -12.06 16.37
N LEU A 274 3.20 -12.41 16.63
CA LEU A 274 2.41 -11.86 17.71
C LEU A 274 1.98 -13.03 18.60
N GLY A 275 2.90 -13.45 19.47
CA GLY A 275 2.70 -14.64 20.33
C GLY A 275 1.39 -14.68 21.13
N GLY A 276 0.94 -13.52 21.58
CA GLY A 276 -0.30 -13.40 22.37
C GLY A 276 -1.60 -13.19 21.57
N SER A 277 -1.50 -12.90 20.27
CA SER A 277 -2.70 -12.56 19.48
C SER A 277 -3.62 -13.75 19.20
N ASP A 278 -4.90 -13.56 19.54
CA ASP A 278 -5.93 -14.56 19.35
C ASP A 278 -6.94 -14.00 18.37
N PHE A 279 -7.07 -14.66 17.23
CA PHE A 279 -8.00 -14.23 16.20
C PHE A 279 -8.49 -15.44 15.44
N ASP A 280 -9.61 -15.25 14.74
CA ASP A 280 -10.12 -16.27 13.90
C ASP A 280 -10.08 -15.73 12.46
N GLU A 281 -9.12 -16.21 11.68
CA GLU A 281 -8.98 -15.78 10.29
C GLU A 281 -10.23 -16.11 9.44
N LYS A 282 -10.98 -17.15 9.79
CA LYS A 282 -12.27 -17.43 9.12
C LYS A 282 -13.24 -16.26 9.24
N LEU A 283 -13.40 -15.73 10.45
CA LEU A 283 -14.31 -14.58 10.67
C LEU A 283 -13.78 -13.29 10.04
N ILE A 284 -12.46 -13.10 10.04
CA ILE A 284 -11.86 -11.95 9.38
C ILE A 284 -12.10 -11.98 7.86
N VAL A 285 -11.84 -13.12 7.21
CA VAL A 285 -12.11 -13.23 5.79
C VAL A 285 -13.61 -12.97 5.53
N ALA A 286 -14.47 -13.56 6.37
CA ALA A 286 -15.90 -13.35 6.23
C ALA A 286 -16.29 -11.90 6.32
N GLU A 287 -15.71 -11.20 7.29
CA GLU A 287 -15.95 -9.75 7.46
C GLU A 287 -15.52 -8.93 6.24
N LEU A 288 -14.31 -9.21 5.76
CA LEU A 288 -13.82 -8.52 4.55
C LEU A 288 -14.80 -8.70 3.38
N ASP A 289 -15.16 -9.96 3.15
CA ASP A 289 -16.02 -10.30 2.05
C ASP A 289 -17.39 -9.62 2.20
N SER A 290 -17.88 -9.52 3.43
CA SER A 290 -19.14 -8.81 3.67
CA SER A 290 -19.15 -8.82 3.63
C SER A 290 -19.05 -7.30 3.42
N SER A 291 -17.85 -6.73 3.45
CA SER A 291 -17.76 -5.26 3.27
C SER A 291 -16.95 -4.76 2.05
N ILE A 292 -16.47 -5.69 1.23
CA ILE A 292 -15.59 -5.31 0.12
C ILE A 292 -16.30 -4.48 -0.97
N VAL A 293 -17.59 -4.68 -1.22
CA VAL A 293 -18.30 -3.80 -2.14
C VAL A 293 -18.25 -2.35 -1.63
N GLU A 294 -18.60 -2.19 -0.36
CA GLU A 294 -18.50 -0.88 0.30
C GLU A 294 -17.06 -0.33 0.33
N ILE A 295 -16.09 -1.18 0.60
CA ILE A 295 -14.68 -0.73 0.64
C ILE A 295 -14.26 -0.20 -0.75
N ARG A 296 -14.61 -0.96 -1.78
CA ARG A 296 -14.34 -0.56 -3.16
C ARG A 296 -15.02 0.74 -3.55
N ALA A 297 -16.27 0.91 -3.15
CA ALA A 297 -16.97 2.17 -3.38
C ALA A 297 -16.23 3.38 -2.77
N ALA A 298 -15.79 3.20 -1.52
CA ALA A 298 -15.16 4.28 -0.80
C ALA A 298 -13.81 4.63 -1.48
N VAL A 299 -13.01 3.60 -1.72
CA VAL A 299 -11.77 3.78 -2.46
C VAL A 299 -11.97 4.54 -3.78
N ASP A 300 -12.96 4.12 -4.56
CA ASP A 300 -13.14 4.65 -5.90
C ASP A 300 -13.59 6.08 -5.85
N GLU A 301 -14.26 6.45 -4.77
CA GLU A 301 -14.85 7.75 -4.73
C GLU A 301 -13.95 8.84 -4.17
N LEU A 302 -12.89 8.48 -3.45
CA LEU A 302 -12.21 9.46 -2.58
C LEU A 302 -11.55 10.57 -3.36
N PHE A 303 -10.57 10.19 -4.17
CA PHE A 303 -9.93 11.09 -5.12
C PHE A 303 -10.18 10.43 -6.47
N LEU A 304 -10.43 11.29 -7.45
CA LEU A 304 -10.58 10.92 -8.86
C LEU A 304 -9.25 11.18 -9.56
N LEU A 305 -8.51 10.14 -9.95
CA LEU A 305 -7.21 10.34 -10.63
C LEU A 305 -7.30 10.14 -12.15
#